data_4A4O
#
_entry.id   4A4O
#
_cell.length_a   66.546
_cell.length_b   66.546
_cell.length_c   154.248
_cell.angle_alpha   90.00
_cell.angle_beta   90.00
_cell.angle_gamma   120.00
#
_symmetry.space_group_name_H-M   'P 32 2 1'
#
loop_
_entity.id
_entity.type
_entity.pdbx_description
1 polymer 'SERINE/THREONINE-PROTEIN KINASE PLK1'
2 non-polymer 'ZINC ION'
3 non-polymer 'L(+)-TARTARIC ACID'
4 non-polymer 1-METHYL-2-(2-{[5-(4-METHYLPIPERAZIN-1-YL)-2-(TRIFLUOROMETHOXY)PHENYL]AMINO}PYRIMIDIN-4-YL)-1,5,6,7-TETRAHYDRO-4H-PYRROLO[3,2-C]PYRIDIN-4-ONE
5 water water
#
_entity_poly.entity_id   1
_entity_poly.type   'polypeptide(L)'
_entity_poly.pdbx_seq_one_letter_code
;GPAKEIPEVLVDPRSRRRYVRGRFLGKGGFAKCFEISDADTKEVFAGKIVPKSLLLKPHQREKMSMEISIHRSLAHQHVV
GFHGFFEDNDFVFVVLELCRRRSLLELHKRRKALTEPEARYYLRQIVLGCQYLHRNRVIHRDLKLGNLFLNEDLEVKIGD
FGLATKVEYDGERKKTLCGTPNYIAPEVLSKKGHSFEVDVWSIGCIMYTLLVGKPPFETSCLKETYLRIKKNEYSIPKHI
NPVAASLIQKMLQTDPTARPTINELLNDEFFTSGYIPARLPITCLTIPPRFSIAPSSLDPSNRKPLTVLNK
;
_entity_poly.pdbx_strand_id   A
#
loop_
_chem_comp.id
_chem_comp.type
_chem_comp.name
_chem_comp.formula
664 non-polymer 1-METHYL-2-(2-{[5-(4-METHYLPIPERAZIN-1-YL)-2-(TRIFLUOROMETHOXY)PHENYL]AMINO}PYRIMIDIN-4-YL)-1,5,6,7-TETRAHYDRO-4H-PYRROLO[3,2-C]PYRIDIN-4-ONE 'C24 H26 F3 N7 O2'
TLA non-polymer 'L(+)-TARTARIC ACID' 'C4 H6 O6'
ZN non-polymer 'ZINC ION' 'Zn 2'
#
# COMPACT_ATOMS: atom_id res chain seq x y z
N GLU A 5 -15.69 8.87 20.74
CA GLU A 5 -16.17 10.24 21.08
C GLU A 5 -16.21 11.14 19.85
N ILE A 6 -16.71 10.62 18.73
CA ILE A 6 -16.55 11.28 17.44
C ILE A 6 -17.89 11.76 16.88
N PRO A 7 -17.97 13.02 16.45
CA PRO A 7 -19.24 13.66 16.07
C PRO A 7 -20.00 12.91 14.99
N GLU A 8 -21.32 12.92 15.09
CA GLU A 8 -22.12 12.25 14.09
C GLU A 8 -21.86 12.89 12.75
N VAL A 9 -22.08 14.19 12.65
CA VAL A 9 -21.77 14.91 11.43
C VAL A 9 -20.34 15.42 11.51
N LEU A 10 -19.77 15.73 10.35
CA LEU A 10 -18.45 16.32 10.26
C LEU A 10 -18.53 17.56 9.39
N VAL A 11 -18.08 18.70 9.91
CA VAL A 11 -18.17 19.94 9.15
C VAL A 11 -16.81 20.47 8.77
N ASP A 12 -16.70 20.89 7.53
CA ASP A 12 -15.51 21.56 7.03
C ASP A 12 -15.79 23.06 6.96
N PRO A 13 -15.46 23.80 8.03
CA PRO A 13 -15.76 25.24 8.08
C PRO A 13 -15.15 26.08 6.96
N ARG A 14 -14.26 25.49 6.16
CA ARG A 14 -13.57 26.26 5.12
C ARG A 14 -13.97 25.94 3.69
N SER A 15 -14.32 24.69 3.44
CA SER A 15 -14.84 24.25 2.14
C SER A 15 -16.34 24.08 2.29
N ARG A 16 -16.78 24.12 3.55
CA ARG A 16 -18.15 24.33 3.96
C ARG A 16 -19.06 23.10 4.05
N ARG A 17 -18.76 22.06 3.29
CA ARG A 17 -19.60 20.86 3.35
C ARG A 17 -19.49 20.10 4.67
N ARG A 18 -20.49 19.27 4.95
CA ARG A 18 -20.50 18.44 6.15
C ARG A 18 -20.72 16.99 5.74
N TYR A 19 -20.41 16.07 6.64
CA TYR A 19 -20.44 14.67 6.29
C TYR A 19 -21.18 13.86 7.34
N VAL A 20 -22.18 13.12 6.88
CA VAL A 20 -22.83 12.17 7.75
C VAL A 20 -21.86 11.02 7.95
N ARG A 21 -21.78 10.52 9.18
CA ARG A 21 -20.74 9.59 9.57
C ARG A 21 -21.20 8.14 9.45
N GLY A 22 -20.65 7.44 8.46
CA GLY A 22 -21.10 6.09 8.16
C GLY A 22 -20.51 4.98 9.01
N ARG A 23 -20.31 3.81 8.41
CA ARG A 23 -19.95 2.60 9.16
C ARG A 23 -18.45 2.46 9.33
N PHE A 24 -18.06 1.68 10.34
CA PHE A 24 -16.64 1.41 10.53
C PHE A 24 -16.09 0.68 9.31
N LEU A 25 -14.79 0.84 9.06
CA LEU A 25 -14.13 0.12 8.00
C LEU A 25 -12.87 -0.56 8.53
N GLY A 26 -11.94 0.24 9.05
CA GLY A 26 -10.66 -0.31 9.42
C GLY A 26 -9.95 0.65 10.35
N LYS A 27 -8.71 0.33 10.67
CA LYS A 27 -7.94 1.24 11.49
C LYS A 27 -6.49 0.91 11.40
N GLY A 28 -5.65 1.92 11.58
CA GLY A 28 -4.22 1.71 11.43
C GLY A 28 -3.42 2.83 12.03
N GLY A 29 -2.64 2.49 13.06
CA GLY A 29 -2.05 3.52 13.90
C GLY A 29 -3.13 4.25 14.67
N PHE A 30 -2.78 5.45 15.10
CA PHE A 30 -3.70 6.32 15.84
C PHE A 30 -5.00 6.64 15.07
N ALA A 31 -5.16 6.04 13.89
CA ALA A 31 -6.31 6.30 13.03
C ALA A 31 -7.33 5.18 13.12
N LYS A 32 -8.60 5.57 13.16
CA LYS A 32 -9.72 4.68 12.85
C LYS A 32 -10.41 5.29 11.65
N CYS A 33 -11.21 4.49 10.96
CA CYS A 33 -11.67 4.86 9.62
C CYS A 33 -13.10 4.43 9.30
N PHE A 34 -13.88 5.34 8.75
CA PHE A 34 -15.31 5.10 8.49
C PHE A 34 -15.67 5.63 7.13
N GLU A 35 -16.77 5.10 6.59
CA GLU A 35 -17.36 5.74 5.42
C GLU A 35 -18.26 6.87 5.89
N ILE A 36 -18.59 7.77 4.97
CA ILE A 36 -19.18 9.06 5.30
C ILE A 36 -19.77 9.64 4.02
N SER A 37 -20.93 10.27 4.13
CA SER A 37 -21.66 10.74 2.96
C SER A 37 -21.76 12.26 2.96
N ASP A 38 -21.48 12.87 1.80
CA ASP A 38 -21.40 14.33 1.70
C ASP A 38 -22.68 14.99 2.19
N ALA A 39 -23.73 14.21 2.37
CA ALA A 39 -24.95 14.68 3.02
C ALA A 39 -25.75 15.68 2.20
N ASP A 40 -25.12 16.32 1.21
CA ASP A 40 -25.84 17.21 0.29
C ASP A 40 -25.77 16.73 -1.17
N THR A 41 -24.55 16.67 -1.73
CA THR A 41 -24.33 15.96 -2.99
C THR A 41 -24.33 14.47 -2.69
N LYS A 42 -24.45 14.16 -1.40
CA LYS A 42 -24.84 12.83 -0.93
C LYS A 42 -23.76 11.79 -1.24
N GLU A 43 -22.66 12.26 -1.83
CA GLU A 43 -21.59 11.36 -2.25
C GLU A 43 -20.90 10.66 -1.07
N VAL A 44 -20.25 9.55 -1.38
CA VAL A 44 -19.71 8.65 -0.37
C VAL A 44 -18.20 8.61 -0.38
N PHE A 45 -17.63 8.66 0.83
CA PHE A 45 -16.18 8.63 1.01
C PHE A 45 -15.78 7.76 2.18
N ALA A 46 -14.49 7.46 2.26
CA ALA A 46 -13.91 6.98 3.49
C ALA A 46 -13.28 8.15 4.22
N GLY A 47 -13.54 8.24 5.53
CA GLY A 47 -12.95 9.29 6.31
C GLY A 47 -11.98 8.79 7.36
N LYS A 48 -10.72 9.20 7.26
CA LYS A 48 -9.74 8.82 8.27
C LYS A 48 -9.76 9.84 9.40
N ILE A 49 -9.87 9.35 10.63
CA ILE A 49 -10.27 10.18 11.76
C ILE A 49 -9.36 9.99 12.96
N VAL A 50 -8.50 10.95 13.20
CA VAL A 50 -7.50 10.80 14.25
C VAL A 50 -7.79 11.72 15.42
N PRO A 51 -7.82 11.15 16.62
CA PRO A 51 -8.05 11.92 17.84
C PRO A 51 -6.83 12.78 18.17
N LYS A 52 -7.05 14.05 18.47
CA LYS A 52 -5.94 14.93 18.83
C LYS A 52 -5.34 14.59 20.21
N SER A 53 -5.98 13.65 20.91
CA SER A 53 -5.44 13.16 22.16
C SER A 53 -4.19 12.31 21.94
N LEU A 54 -4.13 11.62 20.81
CA LEU A 54 -3.00 10.79 20.47
C LEU A 54 -1.89 11.63 19.89
N LEU A 55 -2.17 12.91 19.72
CA LEU A 55 -1.26 13.78 18.97
C LEU A 55 -0.71 14.90 19.84
N LEU A 56 -0.68 14.68 21.15
CA LEU A 56 -0.27 15.70 22.12
C LEU A 56 1.16 16.14 21.97
N LYS A 57 1.93 15.30 21.29
CA LYS A 57 3.37 15.51 21.20
C LYS A 57 3.61 16.13 19.84
N PRO A 58 4.60 17.03 19.76
CA PRO A 58 4.90 17.63 18.47
C PRO A 58 5.40 16.62 17.43
N HIS A 59 6.11 15.59 17.87
CA HIS A 59 6.64 14.60 16.94
C HIS A 59 5.52 13.80 16.25
N GLN A 60 4.49 13.42 17.00
CA GLN A 60 3.31 12.74 16.44
C GLN A 60 2.60 13.69 15.49
N ARG A 61 2.45 14.93 15.92
CA ARG A 61 1.74 15.91 15.12
C ARG A 61 2.39 16.07 13.75
N GLU A 62 3.70 16.31 13.72
CA GLU A 62 4.40 16.46 12.45
C GLU A 62 4.17 15.28 11.53
N LYS A 63 4.34 14.08 12.07
CA LYS A 63 4.17 12.84 11.30
C LYS A 63 2.85 12.91 10.55
N MET A 64 1.83 13.43 11.22
CA MET A 64 0.47 13.45 10.72
C MET A 64 0.31 14.50 9.64
N SER A 65 0.96 15.63 9.84
CA SER A 65 0.93 16.70 8.85
C SER A 65 1.65 16.27 7.62
N MET A 66 2.83 15.69 7.83
CA MET A 66 3.64 15.24 6.73
C MET A 66 2.80 14.35 5.81
N GLU A 67 1.96 13.52 6.42
CA GLU A 67 1.20 12.55 5.66
C GLU A 67 0.15 13.25 4.79
N ILE A 68 -0.39 14.33 5.31
CA ILE A 68 -1.37 15.14 4.61
C ILE A 68 -0.66 15.90 3.51
N SER A 69 0.48 16.44 3.86
CA SER A 69 1.32 17.09 2.88
C SER A 69 1.65 16.19 1.69
N ILE A 70 2.01 14.95 1.96
CA ILE A 70 2.45 14.07 0.90
C ILE A 70 1.23 13.60 0.14
N HIS A 71 0.27 13.05 0.89
CA HIS A 71 -0.88 12.43 0.25
C HIS A 71 -1.70 13.41 -0.58
N ARG A 72 -1.84 14.62 -0.05
CA ARG A 72 -2.70 15.60 -0.67
C ARG A 72 -2.13 16.08 -2.01
N SER A 73 -0.83 15.90 -2.21
CA SER A 73 -0.21 16.32 -3.46
C SER A 73 -0.37 15.26 -4.56
N LEU A 74 -1.21 14.25 -4.31
CA LEU A 74 -1.17 13.07 -5.15
C LEU A 74 -2.48 12.81 -5.85
N ALA A 75 -2.40 12.64 -7.17
CA ALA A 75 -3.54 12.31 -7.97
C ALA A 75 -3.08 11.30 -9.02
N HIS A 76 -3.83 10.21 -9.15
CA HIS A 76 -3.44 9.12 -10.02
C HIS A 76 -4.33 7.91 -9.75
N GLN A 77 -4.49 7.06 -10.76
CA GLN A 77 -5.57 6.09 -10.82
C GLN A 77 -5.40 4.96 -9.83
N HIS A 78 -4.15 4.70 -9.45
CA HIS A 78 -3.89 3.60 -8.55
C HIS A 78 -3.31 4.14 -7.27
N VAL A 79 -3.81 5.29 -6.85
CA VAL A 79 -3.52 5.85 -5.56
C VAL A 79 -4.82 6.33 -4.95
N VAL A 80 -5.01 6.08 -3.66
CA VAL A 80 -6.24 6.46 -3.00
C VAL A 80 -6.41 7.97 -3.01
N GLY A 81 -7.49 8.44 -3.63
CA GLY A 81 -7.64 9.85 -3.87
C GLY A 81 -7.76 10.66 -2.60
N PHE A 82 -7.02 11.76 -2.54
CA PHE A 82 -7.12 12.71 -1.43
C PHE A 82 -8.15 13.81 -1.73
N HIS A 83 -9.22 13.86 -0.94
CA HIS A 83 -10.31 14.82 -1.17
C HIS A 83 -10.41 15.93 -0.12
N GLY A 84 -9.44 16.00 0.79
CA GLY A 84 -9.39 17.10 1.73
C GLY A 84 -9.20 16.71 3.18
N PHE A 85 -9.07 17.71 4.04
CA PHE A 85 -9.03 17.49 5.48
C PHE A 85 -9.59 18.67 6.28
N PHE A 86 -9.65 18.49 7.59
CA PHE A 86 -9.98 19.56 8.51
C PHE A 86 -10.03 18.96 9.90
N GLU A 87 -10.08 19.82 10.91
CA GLU A 87 -10.08 19.35 12.29
C GLU A 87 -11.05 20.15 13.13
N ASP A 88 -11.56 19.52 14.17
CA ASP A 88 -12.22 20.27 15.23
C ASP A 88 -11.15 20.58 16.28
N ASN A 89 -11.41 20.22 17.53
CA ASN A 89 -10.41 20.32 18.57
C ASN A 89 -9.99 18.96 19.10
N ASP A 90 -10.84 17.95 18.93
CA ASP A 90 -10.50 16.62 19.44
C ASP A 90 -10.05 15.65 18.35
N PHE A 91 -10.19 16.09 17.08
CA PHE A 91 -10.06 15.20 15.93
C PHE A 91 -9.49 15.84 14.66
N VAL A 92 -8.71 15.06 13.93
CA VAL A 92 -8.35 15.41 12.57
C VAL A 92 -9.22 14.60 11.61
N PHE A 93 -9.85 15.26 10.65
CA PHE A 93 -10.68 14.55 9.69
C PHE A 93 -10.09 14.67 8.30
N VAL A 94 -9.83 13.52 7.68
CA VAL A 94 -9.31 13.45 6.32
C VAL A 94 -10.29 12.72 5.43
N VAL A 95 -10.58 13.27 4.25
CA VAL A 95 -11.53 12.66 3.33
C VAL A 95 -10.87 11.91 2.19
N LEU A 96 -11.14 10.62 2.07
CA LEU A 96 -10.51 9.79 1.05
C LEU A 96 -11.51 9.20 0.07
N GLU A 97 -11.06 8.96 -1.15
CA GLU A 97 -11.77 8.12 -2.12
C GLU A 97 -12.12 6.78 -1.48
N LEU A 98 -13.33 6.29 -1.68
CA LEU A 98 -13.75 5.09 -0.95
C LEU A 98 -13.50 3.86 -1.78
N CYS A 99 -12.84 2.88 -1.19
CA CYS A 99 -12.54 1.66 -1.90
C CYS A 99 -13.44 0.54 -1.41
N ARG A 100 -14.41 0.19 -2.25
CA ARG A 100 -15.55 -0.57 -1.76
C ARG A 100 -15.25 -2.06 -1.67
N ARG A 101 -14.12 -2.47 -2.22
CA ARG A 101 -13.71 -3.87 -2.16
C ARG A 101 -12.52 -4.09 -1.22
N ARG A 102 -12.40 -3.23 -0.21
CA ARG A 102 -11.43 -3.41 0.86
C ARG A 102 -10.00 -3.48 0.32
N SER A 103 -9.15 -4.34 0.87
CA SER A 103 -7.77 -4.37 0.41
C SER A 103 -7.30 -5.73 -0.04
N LEU A 104 -6.18 -5.76 -0.75
CA LEU A 104 -5.59 -7.03 -1.13
C LEU A 104 -5.51 -7.98 0.07
N LEU A 105 -5.29 -7.45 1.26
CA LEU A 105 -5.15 -8.29 2.44
C LEU A 105 -6.29 -9.28 2.61
N GLU A 106 -7.50 -8.76 2.55
CA GLU A 106 -8.72 -9.53 2.72
C GLU A 106 -8.89 -10.58 1.62
N LEU A 107 -8.56 -10.19 0.39
CA LEU A 107 -8.60 -11.11 -0.77
C LEU A 107 -7.62 -12.23 -0.54
N HIS A 108 -6.51 -11.94 0.11
CA HIS A 108 -5.51 -12.97 0.34
C HIS A 108 -5.93 -13.94 1.44
N LYS A 109 -6.62 -13.42 2.44
CA LYS A 109 -7.08 -14.23 3.55
C LYS A 109 -7.96 -15.35 3.01
N ARG A 110 -8.51 -15.12 1.83
CA ARG A 110 -9.65 -15.88 1.36
C ARG A 110 -9.32 -16.75 0.17
N ARG A 111 -8.23 -16.41 -0.53
CA ARG A 111 -7.82 -17.13 -1.73
C ARG A 111 -6.42 -17.67 -1.57
N LYS A 112 -5.78 -17.37 -0.44
CA LYS A 112 -4.38 -17.69 -0.30
C LYS A 112 -3.64 -17.49 -1.63
N ALA A 113 -2.91 -18.48 -2.13
CA ALA A 113 -2.19 -18.26 -3.38
C ALA A 113 -3.16 -17.90 -4.51
N LEU A 114 -2.72 -17.00 -5.39
CA LEU A 114 -3.52 -16.56 -6.55
C LEU A 114 -3.11 -17.27 -7.84
N THR A 115 -3.92 -17.19 -8.89
CA THR A 115 -3.48 -17.64 -10.20
C THR A 115 -2.50 -16.63 -10.79
N GLU A 116 -1.56 -17.07 -11.62
CA GLU A 116 -0.58 -16.15 -12.15
C GLU A 116 -1.25 -14.92 -12.77
N PRO A 117 -2.18 -15.14 -13.71
CA PRO A 117 -2.80 -13.97 -14.30
C PRO A 117 -3.30 -12.94 -13.28
N GLU A 118 -3.93 -13.38 -12.21
CA GLU A 118 -4.35 -12.43 -11.18
C GLU A 118 -3.17 -11.69 -10.61
N ALA A 119 -2.05 -12.38 -10.46
CA ALA A 119 -0.91 -11.78 -9.82
C ALA A 119 -0.43 -10.62 -10.68
N ARG A 120 -0.28 -10.89 -11.97
CA ARG A 120 0.16 -9.86 -12.92
C ARG A 120 -0.80 -8.69 -12.87
N TYR A 121 -2.08 -8.97 -13.01
CA TYR A 121 -3.08 -7.93 -13.08
C TYR A 121 -2.91 -6.99 -11.92
N TYR A 122 -2.94 -7.53 -10.72
CA TYR A 122 -2.83 -6.74 -9.52
C TYR A 122 -1.45 -6.12 -9.45
N LEU A 123 -0.44 -6.91 -9.75
CA LEU A 123 0.92 -6.43 -9.55
C LEU A 123 1.20 -5.27 -10.47
N ARG A 124 0.74 -5.37 -11.70
CA ARG A 124 0.95 -4.31 -12.66
C ARG A 124 0.41 -2.98 -12.13
N GLN A 125 -0.81 -2.99 -11.61
CA GLN A 125 -1.39 -1.77 -11.06
C GLN A 125 -0.64 -1.28 -9.83
N ILE A 126 -0.12 -2.21 -9.03
CA ILE A 126 0.74 -1.82 -7.94
C ILE A 126 1.96 -1.06 -8.48
N VAL A 127 2.58 -1.58 -9.54
CA VAL A 127 3.76 -0.92 -10.07
C VAL A 127 3.43 0.42 -10.70
N LEU A 128 2.34 0.48 -11.48
CA LEU A 128 1.94 1.72 -12.11
C LEU A 128 1.75 2.79 -11.05
N GLY A 129 1.13 2.42 -9.94
CA GLY A 129 0.96 3.36 -8.87
C GLY A 129 2.29 3.74 -8.26
N CYS A 130 3.20 2.79 -8.16
CA CYS A 130 4.47 3.09 -7.55
C CYS A 130 5.39 3.84 -8.54
N GLN A 131 5.27 3.54 -9.83
CA GLN A 131 5.95 4.32 -10.85
C GLN A 131 5.55 5.77 -10.66
N TYR A 132 4.27 6.02 -10.44
CA TYR A 132 3.80 7.37 -10.20
C TYR A 132 4.56 7.99 -9.04
N LEU A 133 4.51 7.36 -7.87
CA LEU A 133 5.04 8.00 -6.67
C LEU A 133 6.51 8.26 -6.86
N HIS A 134 7.24 7.24 -7.30
CA HIS A 134 8.66 7.38 -7.45
C HIS A 134 9.01 8.53 -8.36
N ARG A 135 8.22 8.75 -9.41
CA ARG A 135 8.53 9.85 -10.30
C ARG A 135 8.20 11.18 -9.62
N ASN A 136 7.47 11.16 -8.52
CA ASN A 136 7.29 12.39 -7.73
C ASN A 136 8.12 12.44 -6.46
N ARG A 137 9.22 11.69 -6.45
CA ARG A 137 10.17 11.75 -5.35
C ARG A 137 9.49 11.37 -4.03
N VAL A 138 8.52 10.47 -4.09
CA VAL A 138 7.82 10.01 -2.89
C VAL A 138 8.03 8.53 -2.69
N ILE A 139 8.47 8.12 -1.49
CA ILE A 139 8.55 6.70 -1.16
C ILE A 139 7.47 6.27 -0.15
N HIS A 140 6.71 5.24 -0.48
CA HIS A 140 5.56 4.88 0.35
C HIS A 140 6.07 4.36 1.67
N ARG A 141 6.97 3.38 1.55
CA ARG A 141 7.75 2.85 2.64
C ARG A 141 7.06 1.77 3.49
N ASP A 142 5.82 1.45 3.13
CA ASP A 142 5.13 0.39 3.83
C ASP A 142 4.10 -0.27 2.94
N LEU A 143 4.46 -0.43 1.67
CA LEU A 143 3.64 -1.19 0.75
C LEU A 143 3.47 -2.61 1.31
N LYS A 144 2.20 -2.99 1.50
CA LYS A 144 1.81 -4.31 2.01
C LYS A 144 0.37 -4.58 1.57
N LEU A 145 -0.09 -5.81 1.75
CA LEU A 145 -1.39 -6.21 1.23
C LEU A 145 -2.57 -5.44 1.80
N GLY A 146 -2.42 -4.89 2.99
CA GLY A 146 -3.51 -4.17 3.63
C GLY A 146 -3.59 -2.68 3.28
N ASN A 147 -2.54 -2.18 2.64
CA ASN A 147 -2.51 -0.83 2.12
C ASN A 147 -2.84 -0.81 0.64
N LEU A 148 -3.10 -1.97 0.06
CA LEU A 148 -3.48 -1.99 -1.33
C LEU A 148 -4.98 -2.22 -1.46
N PHE A 149 -5.73 -1.11 -1.51
CA PHE A 149 -7.17 -1.15 -1.53
C PHE A 149 -7.72 -1.37 -2.94
N LEU A 150 -8.92 -1.93 -3.01
CA LEU A 150 -9.57 -2.20 -4.29
C LEU A 150 -10.92 -1.50 -4.39
N ASN A 151 -11.10 -0.72 -5.45
CA ASN A 151 -12.37 -0.09 -5.68
C ASN A 151 -13.29 -1.11 -6.30
N GLU A 152 -14.36 -0.61 -6.91
CA GLU A 152 -15.49 -1.44 -7.29
C GLU A 152 -15.18 -2.34 -8.50
N ASP A 153 -14.46 -1.79 -9.48
CA ASP A 153 -14.01 -2.60 -10.61
C ASP A 153 -12.72 -3.34 -10.24
N LEU A 154 -12.54 -3.62 -8.95
CA LEU A 154 -11.36 -4.35 -8.51
C LEU A 154 -10.04 -3.73 -9.00
N GLU A 155 -9.96 -2.41 -8.98
CA GLU A 155 -8.71 -1.76 -9.33
C GLU A 155 -7.92 -1.47 -8.06
N VAL A 156 -6.60 -1.55 -8.17
CA VAL A 156 -5.77 -1.30 -7.01
C VAL A 156 -5.65 0.21 -6.77
N LYS A 157 -5.71 0.61 -5.50
CA LYS A 157 -5.41 1.97 -5.11
C LYS A 157 -4.53 1.90 -3.87
N ILE A 158 -3.34 2.49 -3.95
CA ILE A 158 -2.40 2.49 -2.84
C ILE A 158 -2.89 3.42 -1.75
N GLY A 159 -2.63 3.06 -0.49
CA GLY A 159 -3.19 3.83 0.61
C GLY A 159 -2.23 4.01 1.79
N ASP A 160 -2.66 4.82 2.75
CA ASP A 160 -1.89 5.06 3.97
C ASP A 160 -0.46 5.55 3.72
N PHE A 161 -0.31 6.87 3.67
CA PHE A 161 1.00 7.47 3.45
C PHE A 161 1.68 7.93 4.73
N GLY A 162 1.31 7.29 5.83
CA GLY A 162 1.86 7.65 7.13
C GLY A 162 3.29 7.17 7.40
N LEU A 163 3.91 6.46 6.49
CA LEU A 163 5.36 6.30 6.59
C LEU A 163 5.99 6.83 5.31
N ALA A 164 5.13 7.36 4.42
CA ALA A 164 5.59 7.97 3.19
C ALA A 164 6.52 9.12 3.55
N THR A 165 7.67 9.17 2.89
CA THR A 165 8.64 10.25 3.04
C THR A 165 8.95 10.84 1.70
N LYS A 166 9.26 12.13 1.69
CA LYS A 166 9.57 12.87 0.48
C LYS A 166 11.09 12.89 0.26
N VAL A 167 11.54 12.62 -0.96
CA VAL A 167 12.95 12.84 -1.32
C VAL A 167 13.25 14.28 -1.70
N GLU A 168 14.14 14.91 -0.94
CA GLU A 168 14.32 16.34 -1.02
C GLU A 168 15.42 16.78 -2.00
N TYR A 169 16.31 15.85 -2.35
CA TYR A 169 17.42 16.15 -3.26
C TYR A 169 18.08 14.86 -3.77
N ASP A 170 18.54 14.89 -5.02
CA ASP A 170 19.18 13.73 -5.62
C ASP A 170 20.17 13.15 -4.61
N GLY A 171 20.24 11.82 -4.56
CA GLY A 171 21.28 11.16 -3.78
C GLY A 171 20.94 10.98 -2.30
N GLU A 172 19.93 11.69 -1.82
CA GLU A 172 19.56 11.64 -0.42
C GLU A 172 19.40 10.21 0.04
N ARG A 173 19.97 9.88 1.19
CA ARG A 173 19.68 8.63 1.87
C ARG A 173 18.91 8.92 3.15
N LYS A 174 17.63 8.55 3.19
CA LYS A 174 16.85 8.70 4.42
C LYS A 174 17.45 7.78 5.48
N LYS A 175 17.81 8.35 6.62
CA LYS A 175 18.62 7.62 7.59
C LYS A 175 17.79 6.88 8.65
N THR A 176 16.52 7.27 8.81
CA THR A 176 15.63 6.67 9.79
C THR A 176 14.22 6.51 9.27
N LEU A 177 13.47 5.62 9.90
CA LEU A 177 12.08 5.41 9.53
C LEU A 177 11.31 5.17 10.81
N CYS A 178 10.50 6.14 11.20
CA CYS A 178 9.85 6.07 12.48
C CYS A 178 8.56 5.25 12.41
N GLY A 179 8.72 3.93 12.46
CA GLY A 179 7.58 3.05 12.44
C GLY A 179 8.01 1.64 12.12
N THR A 180 7.03 0.75 12.00
CA THR A 180 7.34 -0.64 11.74
C THR A 180 6.71 -1.16 10.48
N PRO A 181 7.32 -0.89 9.31
CA PRO A 181 6.70 -1.51 8.14
C PRO A 181 6.61 -3.04 8.22
N ASN A 182 5.56 -3.57 7.60
CA ASN A 182 5.32 -5.02 7.45
C ASN A 182 6.50 -5.65 6.70
N TYR A 183 6.48 -5.48 5.38
CA TYR A 183 7.53 -5.97 4.47
C TYR A 183 8.74 -5.03 4.44
N ILE A 184 9.46 -4.92 5.54
CA ILE A 184 10.56 -3.97 5.65
C ILE A 184 11.86 -4.42 4.98
N ALA A 185 12.50 -3.48 4.28
CA ALA A 185 13.64 -3.79 3.43
C ALA A 185 14.91 -3.92 4.26
N PRO A 186 15.90 -4.69 3.76
CA PRO A 186 17.10 -5.08 4.52
C PRO A 186 17.85 -3.85 5.02
N GLU A 187 17.99 -2.87 4.11
CA GLU A 187 18.82 -1.70 4.35
C GLU A 187 18.22 -0.82 5.43
N VAL A 188 16.91 -0.93 5.64
CA VAL A 188 16.29 -0.20 6.73
C VAL A 188 16.78 -0.78 8.06
N LEU A 189 16.85 -2.11 8.15
CA LEU A 189 17.18 -2.81 9.40
C LEU A 189 18.64 -2.65 9.77
N SER A 190 19.49 -2.73 8.75
CA SER A 190 20.92 -2.51 8.95
C SER A 190 21.14 -1.02 9.09
N LYS A 191 20.10 -0.31 9.48
CA LYS A 191 20.21 1.08 9.88
C LYS A 191 21.36 1.72 9.06
N LYS A 192 21.16 1.79 7.74
CA LYS A 192 22.25 2.00 6.79
C LYS A 192 21.98 3.11 5.76
N GLY A 193 20.74 3.59 5.72
CA GLY A 193 20.38 4.63 4.77
C GLY A 193 19.69 4.05 3.56
N HIS A 194 18.51 4.54 3.26
CA HIS A 194 17.66 3.89 2.28
C HIS A 194 16.99 4.89 1.34
N SER A 195 16.58 4.41 0.17
CA SER A 195 15.77 5.20 -0.74
C SER A 195 14.71 4.36 -1.47
N PHE A 196 14.49 4.65 -2.73
CA PHE A 196 13.31 4.16 -3.42
C PHE A 196 13.23 2.65 -3.47
N GLU A 197 14.37 2.00 -3.37
CA GLU A 197 14.40 0.56 -3.62
C GLU A 197 13.62 -0.17 -2.53
N VAL A 198 13.37 0.52 -1.41
CA VAL A 198 12.64 -0.12 -0.33
C VAL A 198 11.28 -0.51 -0.86
N ASP A 199 10.71 0.30 -1.74
CA ASP A 199 9.41 -0.05 -2.29
C ASP A 199 9.49 -1.20 -3.28
N VAL A 200 10.59 -1.30 -4.00
CA VAL A 200 10.77 -2.43 -4.91
C VAL A 200 10.87 -3.70 -4.07
N TRP A 201 11.63 -3.63 -2.99
CA TRP A 201 11.69 -4.73 -2.04
C TRP A 201 10.31 -5.19 -1.57
N SER A 202 9.50 -4.25 -1.07
CA SER A 202 8.17 -4.57 -0.57
C SER A 202 7.35 -5.25 -1.67
N ILE A 203 7.32 -4.64 -2.85
CA ILE A 203 6.62 -5.23 -3.99
C ILE A 203 7.13 -6.66 -4.25
N GLY A 204 8.43 -6.88 -4.05
CA GLY A 204 8.97 -8.23 -4.11
C GLY A 204 8.29 -9.21 -3.15
N CYS A 205 8.07 -8.78 -1.91
CA CYS A 205 7.35 -9.60 -0.96
C CYS A 205 5.88 -9.72 -1.34
N ILE A 206 5.28 -8.66 -1.88
CA ILE A 206 3.88 -8.78 -2.27
C ILE A 206 3.77 -9.89 -3.31
N MET A 207 4.64 -9.84 -4.30
CA MET A 207 4.60 -10.81 -5.39
C MET A 207 4.70 -12.25 -4.91
N TYR A 208 5.67 -12.49 -4.05
CA TYR A 208 5.83 -13.79 -3.41
C TYR A 208 4.52 -14.19 -2.78
N THR A 209 4.03 -13.31 -1.92
CA THR A 209 2.86 -13.60 -1.12
C THR A 209 1.66 -13.91 -1.96
N LEU A 210 1.54 -13.23 -3.09
CA LEU A 210 0.37 -13.44 -3.94
C LEU A 210 0.49 -14.75 -4.69
N LEU A 211 1.72 -15.09 -5.09
CA LEU A 211 1.91 -16.30 -5.84
C LEU A 211 2.03 -17.52 -4.93
N VAL A 212 2.80 -17.37 -3.87
CA VAL A 212 3.10 -18.47 -2.98
C VAL A 212 2.01 -18.67 -1.92
N GLY A 213 1.28 -17.61 -1.60
CA GLY A 213 0.20 -17.77 -0.64
C GLY A 213 0.61 -17.44 0.79
N LYS A 214 1.86 -17.04 0.97
CA LYS A 214 2.34 -16.68 2.28
C LYS A 214 3.56 -15.79 2.13
N PRO A 215 3.90 -15.01 3.17
CA PRO A 215 4.99 -14.04 3.16
C PRO A 215 6.35 -14.71 3.07
N PRO A 216 7.27 -14.12 2.29
CA PRO A 216 8.60 -14.70 2.06
C PRO A 216 9.46 -14.89 3.31
N PHE A 217 9.15 -14.19 4.41
CA PHE A 217 10.02 -14.31 5.57
C PHE A 217 9.30 -14.56 6.91
N GLU A 218 8.09 -15.09 6.88
CA GLU A 218 7.31 -15.24 8.11
C GLU A 218 7.94 -16.21 9.12
N THR A 219 7.88 -15.85 10.41
CA THR A 219 8.32 -16.70 11.52
C THR A 219 7.52 -16.30 12.75
N SER A 220 7.54 -17.11 13.79
CA SER A 220 6.72 -16.81 14.97
C SER A 220 7.23 -15.55 15.72
N CYS A 221 8.47 -15.17 15.51
CA CYS A 221 8.98 -13.97 16.16
C CYS A 221 9.50 -12.94 15.19
N LEU A 222 9.09 -11.71 15.42
CA LEU A 222 9.41 -10.60 14.55
C LEU A 222 10.93 -10.44 14.39
N LYS A 223 11.64 -10.38 15.51
CA LYS A 223 13.08 -10.25 15.47
C LYS A 223 13.79 -11.38 14.73
N GLU A 224 13.15 -12.55 14.65
CA GLU A 224 13.73 -13.65 13.87
C GLU A 224 13.53 -13.39 12.40
N THR A 225 12.34 -12.89 12.09
CA THR A 225 12.05 -12.49 10.74
C THR A 225 13.10 -11.48 10.29
N TYR A 226 13.30 -10.45 11.09
CA TYR A 226 14.27 -9.41 10.76
C TYR A 226 15.62 -10.03 10.50
N LEU A 227 15.97 -11.03 11.31
CA LEU A 227 17.20 -11.75 11.08
C LEU A 227 17.17 -12.33 9.68
N ARG A 228 16.12 -13.09 9.38
CA ARG A 228 15.98 -13.69 8.06
C ARG A 228 16.20 -12.69 6.95
N ILE A 229 15.54 -11.54 7.03
CA ILE A 229 15.63 -10.55 5.98
C ILE A 229 17.08 -10.12 5.80
N LYS A 230 17.69 -9.68 6.89
CA LYS A 230 19.08 -9.24 6.86
C LYS A 230 19.99 -10.27 6.16
N LYS A 231 19.91 -11.52 6.60
CA LYS A 231 20.68 -12.61 6.00
C LYS A 231 20.05 -13.08 4.69
N ASN A 232 18.96 -12.44 4.30
CA ASN A 232 18.30 -12.78 3.05
C ASN A 232 17.92 -14.25 3.00
N GLU A 233 17.30 -14.74 4.07
CA GLU A 233 16.96 -16.15 4.15
C GLU A 233 15.50 -16.42 3.79
N TYR A 234 15.26 -16.76 2.52
CA TYR A 234 13.95 -17.25 2.10
C TYR A 234 14.12 -18.36 1.04
N SER A 235 13.00 -18.92 0.60
CA SER A 235 13.07 -19.90 -0.46
C SER A 235 11.78 -19.90 -1.27
N ILE A 236 11.90 -20.20 -2.56
CA ILE A 236 10.76 -20.09 -3.43
C ILE A 236 10.27 -21.48 -3.77
N PRO A 237 9.03 -21.80 -3.39
CA PRO A 237 8.51 -23.13 -3.69
C PRO A 237 8.81 -23.58 -5.15
N LYS A 238 8.96 -24.88 -5.35
CA LYS A 238 9.45 -25.38 -6.64
C LYS A 238 8.38 -25.32 -7.75
N HIS A 239 7.12 -25.19 -7.34
CA HIS A 239 5.99 -25.13 -8.27
C HIS A 239 5.76 -23.74 -8.89
N ILE A 240 6.23 -22.70 -8.22
CA ILE A 240 6.21 -21.36 -8.83
C ILE A 240 7.03 -21.43 -10.09
N ASN A 241 6.51 -20.85 -11.16
CA ASN A 241 7.19 -20.84 -12.44
C ASN A 241 8.55 -20.19 -12.35
N PRO A 242 9.44 -20.57 -13.27
CA PRO A 242 10.81 -20.06 -13.23
C PRO A 242 10.93 -18.58 -13.62
N VAL A 243 9.97 -18.08 -14.39
CA VAL A 243 10.02 -16.69 -14.78
C VAL A 243 9.55 -15.82 -13.62
N ALA A 244 8.41 -16.22 -13.06
CA ALA A 244 7.85 -15.59 -11.87
C ALA A 244 8.94 -15.51 -10.84
N ALA A 245 9.45 -16.69 -10.49
CA ALA A 245 10.39 -16.83 -9.39
C ALA A 245 11.48 -15.77 -9.50
N SER A 246 12.11 -15.69 -10.67
CA SER A 246 13.34 -14.93 -10.77
C SER A 246 13.12 -13.43 -10.70
N LEU A 247 11.91 -12.99 -11.07
CA LEU A 247 11.54 -11.60 -10.82
C LEU A 247 11.52 -11.33 -9.31
N ILE A 248 11.05 -12.31 -8.56
CA ILE A 248 11.10 -12.26 -7.11
C ILE A 248 12.54 -12.12 -6.69
N GLN A 249 13.38 -13.04 -7.18
CA GLN A 249 14.79 -13.03 -6.81
C GLN A 249 15.32 -11.63 -7.12
N LYS A 250 15.02 -11.11 -8.30
CA LYS A 250 15.48 -9.76 -8.64
C LYS A 250 15.20 -8.76 -7.54
N MET A 251 13.94 -8.68 -7.13
CA MET A 251 13.53 -7.68 -6.17
C MET A 251 13.94 -7.98 -4.73
N LEU A 252 14.03 -9.26 -4.40
CA LEU A 252 14.37 -9.62 -3.05
C LEU A 252 15.88 -9.84 -2.97
N GLN A 253 16.61 -8.76 -3.14
CA GLN A 253 18.05 -8.84 -2.97
C GLN A 253 18.48 -7.86 -1.92
N THR A 254 19.47 -8.24 -1.14
CA THR A 254 19.83 -7.48 0.02
C THR A 254 20.47 -6.16 -0.36
N ASP A 255 21.11 -6.11 -1.53
CA ASP A 255 21.72 -4.87 -2.02
C ASP A 255 20.73 -4.13 -2.91
N PRO A 256 20.28 -2.94 -2.47
CA PRO A 256 19.26 -2.19 -3.22
C PRO A 256 19.69 -1.80 -4.63
N THR A 257 20.99 -1.62 -4.82
CA THR A 257 21.53 -1.22 -6.12
C THR A 257 21.39 -2.33 -7.15
N ALA A 258 20.85 -3.47 -6.74
CA ALA A 258 20.71 -4.61 -7.61
C ALA A 258 19.27 -4.84 -7.96
N ARG A 259 18.36 -4.30 -7.15
CA ARG A 259 16.94 -4.55 -7.37
C ARG A 259 16.48 -3.71 -8.56
N PRO A 260 15.63 -4.26 -9.43
CA PRO A 260 15.05 -3.45 -10.53
C PRO A 260 14.48 -2.12 -10.03
N THR A 261 14.46 -1.10 -10.89
CA THR A 261 13.81 0.16 -10.53
C THR A 261 12.34 -0.03 -10.78
N ILE A 262 11.53 0.87 -10.24
CA ILE A 262 10.11 0.68 -10.37
C ILE A 262 9.78 0.72 -11.86
N ASN A 263 10.64 1.39 -12.63
CA ASN A 263 10.28 1.75 -14.00
C ASN A 263 10.57 0.68 -15.03
N GLU A 264 11.58 -0.12 -14.75
CA GLU A 264 11.93 -1.20 -15.65
C GLU A 264 11.14 -2.42 -15.24
N LEU A 265 10.40 -2.29 -14.15
CA LEU A 265 9.66 -3.44 -13.65
C LEU A 265 8.71 -3.99 -14.70
N LEU A 266 7.83 -3.17 -15.25
CA LEU A 266 6.79 -3.72 -16.11
C LEU A 266 7.37 -4.44 -17.34
N ASN A 267 8.62 -4.17 -17.66
CA ASN A 267 9.25 -4.79 -18.81
C ASN A 267 9.55 -6.27 -18.64
N ASP A 268 9.78 -6.65 -17.39
CA ASP A 268 10.18 -8.00 -17.06
C ASP A 268 9.31 -9.03 -17.75
N GLU A 269 9.96 -10.07 -18.24
CA GLU A 269 9.29 -11.09 -19.00
C GLU A 269 8.05 -11.64 -18.30
N PHE A 270 8.07 -11.60 -16.96
CA PHE A 270 6.92 -12.03 -16.19
C PHE A 270 5.67 -11.39 -16.75
N PHE A 271 5.80 -10.10 -17.06
CA PHE A 271 4.66 -9.36 -17.55
C PHE A 271 4.51 -9.56 -19.05
N THR A 272 5.61 -9.40 -19.78
CA THR A 272 5.51 -9.21 -21.21
C THR A 272 5.32 -10.52 -21.96
N SER A 273 5.69 -11.62 -21.34
CA SER A 273 5.50 -12.90 -22.01
C SER A 273 4.36 -13.62 -21.37
N GLY A 274 3.59 -12.91 -20.56
CA GLY A 274 2.53 -13.55 -19.84
C GLY A 274 1.19 -12.94 -20.14
N TYR A 275 0.13 -13.70 -19.91
CA TYR A 275 -1.21 -13.19 -20.11
C TYR A 275 -1.64 -12.31 -18.93
N ILE A 276 -2.03 -11.07 -19.23
CA ILE A 276 -2.51 -10.14 -18.22
C ILE A 276 -3.95 -9.75 -18.51
N PRO A 277 -4.89 -10.21 -17.68
CA PRO A 277 -6.30 -9.91 -17.92
C PRO A 277 -6.44 -8.43 -18.06
N ALA A 278 -7.53 -8.01 -18.67
CA ALA A 278 -7.82 -6.59 -18.78
C ALA A 278 -8.66 -6.16 -17.59
N ARG A 279 -9.56 -7.02 -17.15
CA ARG A 279 -10.35 -6.77 -15.96
C ARG A 279 -10.54 -8.09 -15.24
N LEU A 280 -11.13 -8.04 -14.05
CA LEU A 280 -11.38 -9.27 -13.32
C LEU A 280 -12.85 -9.45 -12.96
N PRO A 281 -13.33 -10.69 -13.01
CA PRO A 281 -14.66 -11.00 -12.47
C PRO A 281 -14.65 -10.78 -10.96
N ILE A 282 -15.72 -10.16 -10.48
CA ILE A 282 -15.86 -9.94 -9.05
C ILE A 282 -15.99 -11.29 -8.38
N THR A 283 -16.25 -12.31 -9.19
CA THR A 283 -16.22 -13.70 -8.74
C THR A 283 -14.84 -13.95 -8.17
N CYS A 284 -13.85 -13.44 -8.90
CA CYS A 284 -12.46 -13.71 -8.60
C CYS A 284 -12.17 -13.33 -7.16
N LEU A 285 -13.10 -12.61 -6.54
CA LEU A 285 -13.02 -12.29 -5.11
C LEU A 285 -13.06 -13.52 -4.21
N THR A 286 -13.60 -14.62 -4.72
CA THR A 286 -13.78 -15.81 -3.91
C THR A 286 -13.65 -17.12 -4.67
N ILE A 287 -13.62 -17.03 -5.99
CA ILE A 287 -13.40 -18.22 -6.80
C ILE A 287 -12.24 -17.99 -7.74
N PRO A 288 -11.29 -18.93 -7.77
CA PRO A 288 -10.19 -18.84 -8.73
C PRO A 288 -10.75 -18.73 -10.12
N PRO A 289 -10.32 -17.71 -10.86
CA PRO A 289 -10.76 -17.45 -12.22
C PRO A 289 -10.08 -18.45 -13.12
N ARG A 290 -10.81 -18.96 -14.10
CA ARG A 290 -10.20 -19.89 -15.04
C ARG A 290 -9.73 -19.26 -16.36
N PHE A 291 -10.27 -18.10 -16.72
CA PHE A 291 -9.84 -17.41 -17.94
C PHE A 291 -10.02 -18.29 -19.17
N SER A 292 -11.18 -18.94 -19.28
CA SER A 292 -11.45 -19.79 -20.43
C SER A 292 -11.60 -18.92 -21.67
N ILE A 293 -11.95 -19.54 -22.78
CA ILE A 293 -12.00 -18.80 -24.03
C ILE A 293 -13.41 -18.52 -24.56
N ALA A 294 -14.42 -19.16 -23.96
CA ALA A 294 -15.82 -18.67 -24.00
C ALA A 294 -16.81 -19.70 -23.42
N PRO A 295 -17.99 -19.34 -23.28
ZN ZN B . 9.96 8.92 15.95
O1 TLA C . 9.23 9.52 22.87
O11 TLA C . 9.96 7.49 22.31
C1 TLA C . 9.14 8.44 22.06
C2 TLA C . 7.98 8.52 20.92
O2 TLA C . 6.76 8.35 21.64
C3 TLA C . 8.09 7.38 19.76
O3 TLA C . 6.84 6.71 19.55
C4 TLA C . 8.53 7.95 18.32
O4 TLA C . 9.66 8.37 17.97
O41 TLA C . 7.56 7.99 17.36
N1 664 D . -11.44 2.88 1.41
C2 664 D . -11.37 1.85 2.38
C6 664 D . -10.66 3.89 1.47
N3 664 D . -10.51 1.92 3.36
N7 664 D . -12.25 0.74 2.25
C4 664 D . -9.62 3.02 3.50
C5 664 D . -9.68 4.01 2.58
C26 664 D . -8.64 3.06 4.64
C8 664 D . -12.34 -0.36 3.17
C10 664 D . -13.69 -1.97 4.50
C9 664 D . -13.58 -0.82 3.54
C11 664 D . -12.57 -2.57 4.98
C13 664 D . -11.13 -1.03 3.70
C12 664 D . -11.23 -2.09 4.57
O14 664 D . -14.73 -0.15 2.99
N15 664 D . -10.06 -2.72 5.07
C16 664 D . -8.81 -2.73 4.24
C17 664 D . -7.54 -2.95 5.07
N18 664 D . -7.79 -4.01 6.06
C19 664 D . -8.75 -3.51 7.04
C20 664 D . -10.13 -3.39 6.39
C21 664 D . -6.54 -4.33 6.76
C22 664 D . -15.58 -0.94 2.09
F23 664 D . -16.38 -1.82 2.80
F24 664 D . -14.80 -1.64 1.17
F25 664 D . -16.40 -0.06 1.40
N27 664 D . -8.68 2.27 5.85
C28 664 D . -7.53 3.84 4.69
C29 664 D . -6.88 3.52 5.97
C30 664 D . -7.58 2.60 6.62
C31 664 D . -7.18 2.04 7.97
C32 664 D . -5.74 2.51 8.43
N33 664 D . -5.25 3.76 7.77
C34 664 D . -5.64 4.09 6.51
O35 664 D . -4.93 4.84 5.85
C36 664 D . -9.68 1.28 6.24
#